data_9B9X
#
_entry.id   9B9X
#
_cell.length_a   175.856
_cell.length_b   175.856
_cell.length_c   88.611
_cell.angle_alpha   90.000
_cell.angle_beta   90.000
_cell.angle_gamma   120.000
#
_symmetry.space_group_name_H-M   'H 3 2'
#
loop_
_entity.id
_entity.type
_entity.pdbx_description
1 polymer 'Chemotaxis protein'
2 non-polymer HYPOXANTHINE
#
_entity_poly.entity_id   1
_entity_poly.type   'polypeptide(L)'
_entity_poly.pdbx_seq_one_letter_code
;(MSE)GLQARSHSQARLDNLLNQELPAQVKGLAAHINLSLSQDLAISESLANSYFIEQWVREGLPEERQNDIAAYLARL
(MSE)EQLDTELLFIAAQHQGRGYYFQLRNGEFLQRIIQPPGSEDDWYYHFTDSDNAYELNLDSDTFSPDDAFVYVNYRS
TVNAANGRPLVVAGAGLDLSQ(MSE)ASLIDDFRLGGSGHASLLSAEGELLVRSGEAKRSDESAPTVATATEALPEQASQ
RLLQNEQLQVHEATRDGQEVLVSTIWLPELQRYL(MSE)VEVDKKAYLASTHERFLELEHHHHHH
;
_entity_poly.pdbx_strand_id   A
#
# COMPACT_ATOMS: atom_id res chain seq x y z
N GLN A 19 -29.47 10.39 -13.42
CA GLN A 19 -28.61 10.04 -12.29
C GLN A 19 -27.16 10.35 -12.58
N GLU A 20 -26.74 11.54 -12.15
CA GLU A 20 -25.37 11.99 -12.41
C GLU A 20 -24.36 11.39 -11.45
N LEU A 21 -24.74 11.21 -10.18
CA LEU A 21 -23.74 10.83 -9.18
C LEU A 21 -23.25 9.39 -9.34
N PRO A 22 -24.10 8.38 -9.59
CA PRO A 22 -23.55 7.02 -9.75
C PRO A 22 -22.50 6.92 -10.84
N ALA A 23 -22.76 7.52 -12.00
CA ALA A 23 -21.73 7.59 -13.03
C ALA A 23 -20.57 8.46 -12.59
N GLN A 24 -20.84 9.48 -11.77
CA GLN A 24 -19.76 10.31 -11.24
C GLN A 24 -18.88 9.53 -10.28
N VAL A 25 -19.48 8.66 -9.46
CA VAL A 25 -18.72 7.92 -8.45
C VAL A 25 -17.80 6.90 -9.12
N LYS A 26 -18.29 6.22 -10.15
CA LYS A 26 -17.46 5.24 -10.85
C LYS A 26 -16.24 5.91 -11.49
N GLY A 27 -16.41 7.11 -12.03
CA GLY A 27 -15.29 7.80 -12.64
C GLY A 27 -14.26 8.25 -11.62
N LEU A 28 -14.73 8.84 -10.52
CA LEU A 28 -13.80 9.27 -9.47
C LEU A 28 -13.16 8.08 -8.77
N ALA A 29 -13.88 6.96 -8.67
CA ALA A 29 -13.27 5.74 -8.17
C ALA A 29 -12.18 5.25 -9.11
N ALA A 30 -12.40 5.39 -10.42
CA ALA A 30 -11.37 5.03 -11.38
C ALA A 30 -10.16 5.94 -11.27
N HIS A 31 -10.36 7.19 -10.86
CA HIS A 31 -9.23 8.09 -10.66
C HIS A 31 -8.41 7.66 -9.44
N ILE A 32 -9.09 7.32 -8.34
CA ILE A 32 -8.39 6.71 -7.21
C ILE A 32 -7.69 5.43 -7.64
N ASN A 33 -8.34 4.65 -8.49
CA ASN A 33 -7.75 3.40 -8.97
C ASN A 33 -6.52 3.68 -9.82
N LEU A 34 -6.57 4.71 -10.67
CA LEU A 34 -5.41 5.06 -11.47
C LEU A 34 -4.25 5.51 -10.60
N SER A 35 -4.52 6.30 -9.57
CA SER A 35 -3.46 6.76 -8.67
C SER A 35 -2.83 5.58 -7.92
N LEU A 36 -3.66 4.61 -7.52
CA LEU A 36 -3.12 3.43 -6.85
C LEU A 36 -2.35 2.54 -7.83
N SER A 37 -2.82 2.45 -9.08
CA SER A 37 -2.15 1.61 -10.07
C SER A 37 -0.74 2.09 -10.34
N GLN A 38 -0.50 3.40 -10.25
CA GLN A 38 0.86 3.93 -10.37
C GLN A 38 1.78 3.30 -9.32
N ASP A 39 1.36 3.34 -8.05
CA ASP A 39 2.16 2.75 -6.99
C ASP A 39 2.28 1.25 -7.13
N LEU A 40 1.23 0.58 -7.61
CA LEU A 40 1.28 -0.86 -7.79
C LEU A 40 2.31 -1.27 -8.84
N ALA A 41 2.34 -0.55 -9.97
CA ALA A 41 3.31 -0.86 -11.01
C ALA A 41 4.74 -0.63 -10.53
N ILE A 42 4.97 0.44 -9.78
CA ILE A 42 6.30 0.72 -9.26
C ILE A 42 6.71 -0.33 -8.25
N SER A 43 5.78 -0.74 -7.38
CA SER A 43 6.09 -1.80 -6.41
C SER A 43 6.41 -3.11 -7.12
N GLU A 44 5.70 -3.41 -8.21
CA GLU A 44 5.98 -4.62 -8.96
C GLU A 44 7.37 -4.57 -9.58
N SER A 45 7.72 -3.44 -10.21
CA SER A 45 9.04 -3.32 -10.84
C SER A 45 10.14 -3.34 -9.79
N LEU A 46 9.89 -2.76 -8.61
CA LEU A 46 10.90 -2.76 -7.56
C LEU A 46 11.12 -4.18 -7.01
N ALA A 47 10.03 -4.90 -6.77
CA ALA A 47 10.17 -6.27 -6.24
C ALA A 47 10.89 -7.18 -7.22
N ASN A 48 10.68 -6.97 -8.52
CA ASN A 48 11.32 -7.77 -9.56
C ASN A 48 12.49 -7.06 -10.22
N SER A 49 13.09 -6.09 -9.54
CA SER A 49 14.24 -5.39 -10.07
C SER A 49 15.45 -6.32 -10.09
N TYR A 50 16.04 -6.51 -11.27
CA TYR A 50 17.22 -7.36 -11.38
C TYR A 50 18.36 -6.84 -10.53
N PHE A 51 18.48 -5.52 -10.39
CA PHE A 51 19.55 -4.95 -9.58
C PHE A 51 19.33 -5.26 -8.10
N ILE A 52 18.08 -5.26 -7.65
CA ILE A 52 17.79 -5.61 -6.26
C ILE A 52 18.08 -7.09 -6.03
N GLU A 53 17.66 -7.95 -6.95
CA GLU A 53 17.97 -9.37 -6.83
C GLU A 53 19.47 -9.61 -6.81
N GLN A 54 20.22 -8.92 -7.68
CA GLN A 54 21.66 -9.05 -7.66
C GLN A 54 22.24 -8.61 -6.32
N TRP A 55 21.71 -7.53 -5.76
CA TRP A 55 22.16 -7.08 -4.45
C TRP A 55 21.83 -8.10 -3.36
N VAL A 56 20.71 -8.81 -3.51
CA VAL A 56 20.33 -9.81 -2.51
C VAL A 56 21.23 -11.03 -2.61
N ARG A 57 21.46 -11.53 -3.82
CA ARG A 57 22.31 -12.71 -4.00
C ARG A 57 23.78 -12.41 -3.70
N GLU A 58 24.21 -11.16 -3.84
CA GLU A 58 25.56 -10.77 -3.45
C GLU A 58 25.77 -10.83 -1.94
N GLY A 59 24.74 -11.12 -1.16
CA GLY A 59 24.85 -11.10 0.28
C GLY A 59 24.41 -9.80 0.92
N LEU A 60 23.73 -8.93 0.17
CA LEU A 60 23.31 -7.62 0.64
C LEU A 60 24.48 -6.84 1.25
N PRO A 61 25.51 -6.54 0.46
CA PRO A 61 26.67 -5.81 1.01
C PRO A 61 26.28 -4.40 1.43
N GLU A 62 26.74 -4.00 2.61
CA GLU A 62 26.41 -2.68 3.15
C GLU A 62 27.01 -1.55 2.33
N GLU A 63 28.09 -1.80 1.58
CA GLU A 63 28.70 -0.74 0.78
C GLU A 63 27.76 -0.25 -0.32
N ARG A 64 26.90 -1.13 -0.83
CA ARG A 64 25.94 -0.75 -1.86
C ARG A 64 24.66 -0.17 -1.30
N GLN A 65 24.49 -0.14 0.04
CA GLN A 65 23.24 0.34 0.62
C GLN A 65 22.94 1.77 0.17
N ASN A 66 23.95 2.64 0.15
CA ASN A 66 23.75 4.01 -0.26
C ASN A 66 23.15 4.09 -1.66
N ASP A 67 23.72 3.33 -2.60
CA ASP A 67 23.16 3.27 -3.94
C ASP A 67 21.73 2.77 -3.93
N ILE A 68 21.46 1.71 -3.15
CA ILE A 68 20.10 1.19 -3.03
C ILE A 68 19.17 2.28 -2.50
N ALA A 69 19.63 3.03 -1.50
CA ALA A 69 18.81 4.11 -0.94
C ALA A 69 18.52 5.18 -1.99
N ALA A 70 19.56 5.59 -2.73
CA ALA A 70 19.35 6.54 -3.83
C ALA A 70 18.38 5.99 -4.86
N TYR A 71 18.50 4.69 -5.18
CA TYR A 71 17.57 4.05 -6.10
C TYR A 71 16.14 4.14 -5.57
N LEU A 72 15.94 3.79 -4.30
CA LEU A 72 14.61 3.92 -3.69
C LEU A 72 14.17 5.37 -3.63
N ALA A 73 15.11 6.28 -3.36
CA ALA A 73 14.77 7.71 -3.31
C ALA A 73 14.21 8.18 -4.64
N ARG A 74 14.83 7.74 -5.75
CA ARG A 74 14.31 8.11 -7.07
C ARG A 74 12.87 7.66 -7.24
N LEU A 75 12.53 6.47 -6.73
CA LEU A 75 11.15 6.00 -6.81
C LEU A 75 10.24 6.80 -5.88
N GLU A 77 10.46 9.83 -4.88
CA GLU A 77 10.18 11.15 -5.43
C GLU A 77 9.08 11.08 -6.49
N GLN A 78 9.11 10.05 -7.33
CA GLN A 78 8.11 9.91 -8.38
C GLN A 78 6.77 9.48 -7.79
N LEU A 79 6.78 8.48 -6.91
CA LEU A 79 5.52 7.98 -6.36
C LEU A 79 4.88 8.96 -5.39
N ASP A 80 5.70 9.82 -4.76
CA ASP A 80 5.22 10.74 -3.72
C ASP A 80 4.58 9.97 -2.56
N THR A 81 5.20 8.85 -2.20
CA THR A 81 4.81 8.08 -1.03
C THR A 81 5.90 8.20 0.03
N GLU A 82 5.47 8.26 1.29
CA GLU A 82 6.43 8.55 2.36
C GLU A 82 7.36 7.36 2.62
N LEU A 83 6.84 6.14 2.50
CA LEU A 83 7.57 4.95 2.89
C LEU A 83 7.80 4.05 1.69
N LEU A 84 9.00 3.48 1.62
CA LEU A 84 9.35 2.42 0.68
C LEU A 84 10.06 1.31 1.47
N PHE A 85 9.76 0.06 1.13
CA PHE A 85 10.28 -1.07 1.87
C PHE A 85 10.73 -2.17 0.92
N ILE A 86 11.72 -2.94 1.36
CA ILE A 86 12.19 -4.12 0.64
C ILE A 86 12.41 -5.23 1.66
N ALA A 87 11.69 -6.34 1.51
CA ALA A 87 11.86 -7.52 2.35
C ALA A 87 12.47 -8.62 1.49
N ALA A 88 13.69 -9.03 1.84
CA ALA A 88 14.47 -9.94 1.02
C ALA A 88 14.87 -11.18 1.80
N GLN A 89 15.02 -12.28 1.06
CA GLN A 89 15.42 -13.57 1.61
C GLN A 89 16.82 -13.93 1.10
N HIS A 90 17.74 -14.17 2.03
CA HIS A 90 19.09 -14.61 1.67
C HIS A 90 19.57 -15.59 2.72
N GLN A 91 20.01 -16.77 2.25
CA GLN A 91 20.50 -17.84 3.13
C GLN A 91 19.45 -18.23 4.18
N GLY A 92 18.18 -18.09 3.84
CA GLY A 92 17.12 -18.45 4.76
C GLY A 92 16.80 -17.41 5.81
N ARG A 93 17.36 -16.22 5.71
CA ARG A 93 17.09 -15.15 6.67
C ARG A 93 16.39 -13.99 5.97
N GLY A 94 15.39 -13.42 6.65
CA GLY A 94 14.62 -12.31 6.10
C GLY A 94 15.15 -10.98 6.59
N TYR A 95 15.30 -10.05 5.65
CA TYR A 95 15.80 -8.72 5.93
C TYR A 95 14.75 -7.70 5.54
N TYR A 96 14.44 -6.76 6.44
CA TYR A 96 13.48 -5.71 6.19
C TYR A 96 14.19 -4.38 6.11
N PHE A 97 14.11 -3.73 4.95
CA PHE A 97 14.67 -2.41 4.74
C PHE A 97 13.56 -1.40 4.50
N GLN A 98 13.77 -0.17 4.95
CA GLN A 98 12.79 0.89 4.76
C GLN A 98 13.49 2.21 4.56
N LEU A 99 13.07 2.95 3.53
CA LEU A 99 13.49 4.32 3.32
C LEU A 99 12.34 5.24 3.73
N ARG A 100 12.60 6.13 4.69
CA ARG A 100 11.60 7.09 5.11
C ARG A 100 12.29 8.32 5.67
N ASN A 101 11.87 9.50 5.20
CA ASN A 101 12.41 10.78 5.66
C ASN A 101 13.92 10.85 5.51
N GLY A 102 14.47 10.22 4.47
CA GLY A 102 15.89 10.20 4.25
C GLY A 102 16.67 9.21 5.07
N GLU A 103 16.02 8.47 5.96
CA GLU A 103 16.69 7.45 6.76
C GLU A 103 16.52 6.08 6.11
N PHE A 104 17.62 5.37 5.96
CA PHE A 104 17.61 4.00 5.45
C PHE A 104 17.77 3.05 6.63
N LEU A 105 16.66 2.42 7.02
CA LEU A 105 16.64 1.53 8.18
C LEU A 105 16.65 0.08 7.74
N GLN A 106 17.30 -0.76 8.55
CA GLN A 106 17.37 -2.19 8.28
C GLN A 106 17.22 -2.97 9.58
N ARG A 107 16.61 -4.14 9.47
CA ARG A 107 16.42 -5.04 10.61
C ARG A 107 16.16 -6.44 10.07
N ILE A 108 16.16 -7.41 10.97
CA ILE A 108 15.91 -8.80 10.62
C ILE A 108 14.43 -9.10 10.83
N ILE A 109 13.84 -9.84 9.89
CA ILE A 109 12.43 -10.17 9.96
C ILE A 109 12.20 -11.15 11.11
N GLN A 110 11.25 -10.83 11.98
CA GLN A 110 11.00 -11.59 13.19
C GLN A 110 10.16 -12.84 12.90
N PRO A 111 10.15 -13.81 13.81
CA PRO A 111 9.34 -15.02 13.62
C PRO A 111 7.86 -14.70 13.51
N PRO A 112 7.03 -15.67 13.12
CA PRO A 112 5.59 -15.38 12.94
C PRO A 112 4.87 -14.96 14.20
N GLY A 113 5.45 -15.20 15.38
CA GLY A 113 4.80 -14.78 16.60
C GLY A 113 4.87 -13.29 16.87
N SER A 114 5.62 -12.54 16.06
CA SER A 114 5.87 -11.13 16.33
C SER A 114 5.19 -10.26 15.27
N GLU A 115 5.62 -9.00 15.19
CA GLU A 115 4.95 -8.01 14.35
C GLU A 115 5.10 -8.28 12.85
N ASP A 116 6.04 -9.12 12.45
CA ASP A 116 6.27 -9.39 11.05
C ASP A 116 5.44 -10.54 10.49
N ASP A 117 4.43 -11.00 11.23
CA ASP A 117 3.59 -12.10 10.75
C ASP A 117 2.85 -11.74 9.47
N TRP A 118 2.62 -10.44 9.22
CA TRP A 118 2.05 -10.02 7.95
C TRP A 118 2.84 -10.56 6.78
N TYR A 119 4.17 -10.59 6.92
CA TYR A 119 5.03 -11.10 5.85
C TYR A 119 4.77 -12.57 5.60
N TYR A 120 4.75 -13.37 6.67
CA TYR A 120 4.46 -14.79 6.52
C TYR A 120 3.06 -15.01 5.96
N HIS A 121 2.10 -14.16 6.34
CA HIS A 121 0.76 -14.25 5.78
C HIS A 121 0.76 -13.97 4.28
N PHE A 122 1.30 -12.81 3.88
CA PHE A 122 1.29 -12.45 2.47
C PHE A 122 2.12 -13.43 1.64
N THR A 123 3.28 -13.85 2.15
CA THR A 123 4.11 -14.78 1.41
C THR A 123 3.52 -16.19 1.37
N ASP A 124 2.65 -16.53 2.33
CA ASP A 124 1.94 -17.81 2.26
C ASP A 124 0.74 -17.76 1.32
N SER A 125 0.22 -16.57 1.03
CA SER A 125 -0.86 -16.44 0.08
C SER A 125 -0.32 -16.50 -1.34
N ASP A 126 -1.15 -17.00 -2.26
CA ASP A 126 -0.81 -17.02 -3.67
C ASP A 126 -1.03 -15.67 -4.34
N ASN A 127 -1.37 -14.64 -3.56
CA ASN A 127 -1.62 -13.32 -4.13
C ASN A 127 -0.32 -12.65 -4.53
N ALA A 128 -0.30 -12.09 -5.75
CA ALA A 128 0.86 -11.32 -6.18
C ALA A 128 1.02 -10.05 -5.35
N TYR A 129 -0.09 -9.47 -4.88
CA TYR A 129 -0.01 -8.26 -4.08
C TYR A 129 -1.21 -8.18 -3.15
N GLU A 130 -1.00 -7.51 -2.02
CA GLU A 130 -2.06 -7.14 -1.11
C GLU A 130 -1.79 -5.72 -0.61
N LEU A 131 -2.86 -5.02 -0.26
CA LEU A 131 -2.76 -3.68 0.34
C LEU A 131 -3.19 -3.82 1.80
N ASN A 132 -2.23 -4.18 2.64
CA ASN A 132 -2.48 -4.42 4.05
C ASN A 132 -2.21 -3.15 4.85
N LEU A 133 -3.17 -2.76 5.69
CA LEU A 133 -2.97 -1.66 6.62
C LEU A 133 -2.38 -2.23 7.90
N ASP A 134 -1.27 -1.65 8.35
CA ASP A 134 -0.58 -2.15 9.53
C ASP A 134 0.31 -1.05 10.08
N SER A 135 0.69 -1.22 11.35
CA SER A 135 1.59 -0.28 12.00
C SER A 135 3.03 -0.52 11.57
N ASP A 136 3.78 0.56 11.47
CA ASP A 136 5.18 0.48 11.03
C ASP A 136 6.01 -0.29 12.05
N THR A 137 6.79 -1.25 11.56
CA THR A 137 7.63 -2.04 12.44
C THR A 137 8.82 -1.26 12.97
N PHE A 138 9.26 -0.22 12.25
CA PHE A 138 10.30 0.67 12.75
C PHE A 138 9.76 1.79 13.64
N SER A 139 8.49 2.13 13.49
CA SER A 139 7.88 3.21 14.28
C SER A 139 6.43 2.85 14.56
N PRO A 140 6.16 2.18 15.68
CA PRO A 140 4.80 1.73 15.97
C PRO A 140 3.79 2.86 16.16
N ASP A 141 4.23 4.12 16.17
CA ASP A 141 3.31 5.23 16.33
C ASP A 141 2.51 5.52 15.06
N ASP A 142 3.00 5.06 13.91
CA ASP A 142 2.45 5.42 12.61
C ASP A 142 1.92 4.17 11.92
N ALA A 143 0.64 4.20 11.58
CA ALA A 143 0.01 3.15 10.78
C ALA A 143 -0.02 3.59 9.32
N PHE A 144 0.42 2.70 8.42
CA PHE A 144 0.39 2.95 7.00
C PHE A 144 -0.42 1.86 6.30
N VAL A 145 -0.82 2.13 5.07
CA VAL A 145 -1.36 1.10 4.19
C VAL A 145 -0.22 0.66 3.27
N TYR A 146 0.20 -0.59 3.42
CA TYR A 146 1.40 -1.10 2.77
C TYR A 146 1.04 -1.82 1.48
N VAL A 147 1.74 -1.49 0.40
CA VAL A 147 1.45 -2.08 -0.92
C VAL A 147 2.47 -3.19 -1.09
N ASN A 148 2.18 -4.34 -0.48
CA ASN A 148 3.06 -5.49 -0.54
C ASN A 148 2.94 -6.14 -1.92
N TYR A 149 4.04 -6.15 -2.67
CA TYR A 149 4.13 -6.86 -3.94
C TYR A 149 5.29 -7.83 -3.87
N ARG A 150 5.03 -9.09 -4.21
CA ARG A 150 6.03 -10.14 -4.12
C ARG A 150 6.76 -10.31 -5.45
N SER A 151 8.03 -10.70 -5.36
CA SER A 151 8.84 -10.94 -6.54
C SER A 151 8.47 -12.27 -7.20
N THR A 152 8.69 -12.33 -8.51
CA THR A 152 8.43 -13.57 -9.23
C THR A 152 9.42 -14.67 -8.82
N VAL A 153 10.65 -14.30 -8.50
CA VAL A 153 11.66 -15.26 -8.08
C VAL A 153 11.45 -15.60 -6.61
N ASN A 154 11.58 -16.88 -6.28
CA ASN A 154 11.47 -17.35 -4.91
C ASN A 154 12.83 -17.83 -4.41
N ALA A 155 13.07 -17.66 -3.12
CA ALA A 155 14.29 -18.12 -2.50
C ALA A 155 14.28 -19.64 -2.39
N ALA A 156 15.39 -20.20 -1.90
CA ALA A 156 15.51 -21.65 -1.77
C ALA A 156 14.52 -22.21 -0.76
N ASN A 157 14.01 -21.39 0.15
CA ASN A 157 13.06 -21.83 1.16
C ASN A 157 11.61 -21.74 0.69
N GLY A 158 11.36 -21.33 -0.55
CA GLY A 158 10.02 -21.28 -1.09
C GLY A 158 9.34 -19.94 -0.97
N ARG A 159 9.85 -19.02 -0.15
CA ARG A 159 9.26 -17.71 -0.03
C ARG A 159 9.75 -16.78 -1.12
N PRO A 160 9.00 -15.73 -1.43
CA PRO A 160 9.46 -14.75 -2.43
C PRO A 160 10.84 -14.21 -2.09
N LEU A 161 11.71 -14.17 -3.09
CA LEU A 161 13.05 -13.62 -2.90
C LEU A 161 12.97 -12.18 -2.43
N VAL A 162 12.01 -11.42 -2.94
CA VAL A 162 11.82 -10.02 -2.58
C VAL A 162 10.33 -9.75 -2.45
N VAL A 163 9.95 -9.02 -1.40
CA VAL A 163 8.63 -8.42 -1.30
C VAL A 163 8.85 -6.93 -1.06
N ALA A 164 8.58 -6.12 -2.09
CA ALA A 164 8.83 -4.70 -2.05
C ALA A 164 7.54 -3.93 -2.34
N GLY A 165 7.52 -2.67 -1.91
CA GLY A 165 6.37 -1.84 -2.16
C GLY A 165 6.50 -0.51 -1.43
N ALA A 166 5.37 0.19 -1.35
CA ALA A 166 5.31 1.54 -0.79
C ALA A 166 4.38 1.56 0.41
N GLY A 167 4.82 2.20 1.48
CA GLY A 167 3.94 2.48 2.59
C GLY A 167 3.32 3.85 2.45
N LEU A 168 2.00 3.91 2.29
CA LEU A 168 1.32 5.17 2.00
C LEU A 168 0.83 5.81 3.29
N ASP A 169 1.17 7.09 3.46
CA ASP A 169 0.65 7.86 4.58
C ASP A 169 -0.86 8.00 4.44
N LEU A 170 -1.59 7.78 5.54
CA LEU A 170 -3.03 7.84 5.49
C LEU A 170 -3.54 9.22 5.14
N SER A 171 -2.78 10.26 5.47
CA SER A 171 -3.18 11.62 5.10
C SER A 171 -3.22 11.79 3.58
N GLN A 172 -2.33 11.10 2.86
CA GLN A 172 -2.39 11.10 1.41
C GLN A 172 -3.72 10.56 0.91
N ALA A 174 -6.45 10.68 2.36
CA ALA A 174 -7.47 11.70 2.62
C ALA A 174 -7.47 12.75 1.51
N SER A 175 -6.29 13.26 1.14
CA SER A 175 -6.22 14.28 0.11
C SER A 175 -6.60 13.73 -1.26
N LEU A 176 -6.41 12.43 -1.48
CA LEU A 176 -6.70 11.83 -2.77
C LEU A 176 -8.15 11.45 -2.96
N ILE A 177 -8.94 11.36 -1.88
CA ILE A 177 -10.37 11.15 -2.05
C ILE A 177 -11.13 12.48 -2.11
N ASP A 178 -10.66 13.51 -1.40
CA ASP A 178 -11.19 14.85 -1.62
C ASP A 178 -10.52 15.54 -2.79
N ASP A 179 -9.79 14.79 -3.62
CA ASP A 179 -9.23 15.34 -4.85
C ASP A 179 -10.33 15.96 -5.71
N PHE A 180 -11.39 15.21 -5.95
CA PHE A 180 -12.57 15.69 -6.66
C PHE A 180 -13.74 15.75 -5.69
N ARG A 181 -14.37 16.92 -5.60
CA ARG A 181 -15.46 17.17 -4.66
C ARG A 181 -16.68 17.65 -5.41
N LEU A 182 -17.81 17.00 -5.17
CA LEU A 182 -19.08 17.41 -5.78
C LEU A 182 -19.64 18.59 -5.00
N GLY A 183 -19.64 19.77 -5.61
CA GLY A 183 -20.17 20.95 -4.97
C GLY A 183 -19.37 21.48 -3.80
N GLY A 184 -18.21 20.90 -3.52
CA GLY A 184 -17.35 21.37 -2.46
C GLY A 184 -17.69 20.88 -1.08
N SER A 185 -18.75 20.09 -0.91
CA SER A 185 -19.15 19.56 0.39
C SER A 185 -19.50 18.08 0.24
N GLY A 186 -19.97 17.50 1.34
CA GLY A 186 -20.22 16.08 1.41
C GLY A 186 -19.01 15.31 1.93
N HIS A 187 -19.26 14.06 2.29
CA HIS A 187 -18.24 13.20 2.84
C HIS A 187 -18.06 11.95 1.98
N ALA A 188 -16.81 11.59 1.74
CA ALA A 188 -16.46 10.36 1.06
C ALA A 188 -15.76 9.43 2.06
N SER A 189 -16.07 8.14 1.98
CA SER A 189 -15.54 7.17 2.93
C SER A 189 -15.07 5.94 2.20
N LEU A 190 -13.97 5.36 2.69
CA LEU A 190 -13.39 4.15 2.14
C LEU A 190 -13.31 3.11 3.24
N LEU A 191 -13.82 1.91 2.96
CA LEU A 191 -13.96 0.87 3.96
C LEU A 191 -13.21 -0.38 3.55
N SER A 192 -12.63 -1.06 4.54
CA SER A 192 -12.02 -2.35 4.27
C SER A 192 -13.10 -3.38 3.95
N ALA A 193 -12.68 -4.52 3.41
CA ALA A 193 -13.65 -5.57 3.13
C ALA A 193 -14.26 -6.12 4.41
N GLU A 194 -13.56 -6.01 5.54
CA GLU A 194 -14.13 -6.42 6.82
C GLU A 194 -14.97 -5.33 7.47
N GLY A 195 -15.06 -4.15 6.86
CA GLY A 195 -15.79 -3.06 7.46
C GLY A 195 -14.95 -2.07 8.23
N GLU A 196 -13.63 -2.22 8.21
CA GLU A 196 -12.74 -1.28 8.90
C GLU A 196 -12.60 -0.02 8.05
N LEU A 197 -12.95 1.13 8.62
CA LEU A 197 -12.84 2.38 7.90
C LEU A 197 -11.38 2.77 7.71
N LEU A 198 -10.99 3.07 6.47
CA LEU A 198 -9.62 3.41 6.17
C LEU A 198 -9.38 4.90 6.05
N VAL A 199 -10.29 5.64 5.41
CA VAL A 199 -10.08 7.06 5.19
C VAL A 199 -11.42 7.75 4.98
N ARG A 200 -11.51 9.01 5.42
CA ARG A 200 -12.65 9.88 5.20
C ARG A 200 -12.14 11.26 4.81
N SER A 201 -12.86 11.91 3.90
CA SER A 201 -12.47 13.24 3.45
C SER A 201 -12.72 14.29 4.53
N VAL A 237 -27.41 2.64 -5.64
CA VAL A 237 -27.92 3.94 -5.23
C VAL A 237 -29.15 3.71 -4.35
N HIS A 238 -29.14 4.25 -3.13
CA HIS A 238 -30.10 3.84 -2.11
C HIS A 238 -30.48 5.02 -1.21
N GLU A 239 -31.69 4.93 -0.65
CA GLU A 239 -32.25 5.97 0.20
C GLU A 239 -32.08 5.58 1.67
N ALA A 240 -31.36 6.40 2.42
CA ALA A 240 -31.12 6.14 3.83
C ALA A 240 -31.55 7.35 4.65
N THR A 241 -32.02 7.09 5.86
CA THR A 241 -32.37 8.14 6.80
C THR A 241 -31.27 8.27 7.85
N ARG A 242 -31.02 9.50 8.29
CA ARG A 242 -29.92 9.75 9.19
C ARG A 242 -30.19 11.00 10.03
N ASP A 243 -29.50 11.08 11.16
CA ASP A 243 -29.51 12.28 11.98
C ASP A 243 -29.09 13.49 11.14
N GLY A 244 -29.77 14.62 11.37
CA GLY A 244 -29.51 15.81 10.58
C GLY A 244 -29.91 15.62 9.14
N GLN A 245 -31.17 15.23 8.93
CA GLN A 245 -31.78 15.00 7.62
C GLN A 245 -31.23 13.74 6.94
N GLU A 246 -32.11 13.05 6.20
CA GLU A 246 -31.73 11.84 5.48
C GLU A 246 -30.80 12.16 4.33
N VAL A 247 -30.00 11.17 3.93
CA VAL A 247 -29.04 11.30 2.84
C VAL A 247 -29.12 10.06 1.95
N LEU A 248 -28.70 10.23 0.70
CA LEU A 248 -28.67 9.15 -0.28
C LEU A 248 -27.23 8.72 -0.54
N VAL A 249 -27.04 7.40 -0.67
CA VAL A 249 -25.70 6.82 -0.71
C VAL A 249 -25.47 6.12 -2.05
N SER A 250 -24.20 6.12 -2.46
CA SER A 250 -23.75 5.36 -3.62
C SER A 250 -22.41 4.72 -3.28
N THR A 251 -22.30 3.42 -3.53
CA THR A 251 -21.11 2.67 -3.18
C THR A 251 -20.65 1.81 -4.35
N ILE A 252 -19.34 1.61 -4.44
CA ILE A 252 -18.74 0.79 -5.49
C ILE A 252 -17.45 0.17 -4.97
N TRP A 253 -17.13 -1.00 -5.48
CA TRP A 253 -15.95 -1.75 -5.07
C TRP A 253 -14.76 -1.41 -5.96
N LEU A 254 -13.61 -1.19 -5.32
CA LEU A 254 -12.38 -0.89 -6.03
C LEU A 254 -11.55 -2.16 -6.15
N PRO A 255 -11.32 -2.69 -7.36
CA PRO A 255 -10.61 -3.97 -7.50
C PRO A 255 -9.12 -3.88 -7.19
N GLU A 256 -8.45 -2.88 -7.78
CA GLU A 256 -7.02 -2.71 -7.54
C GLU A 256 -6.72 -2.36 -6.09
N LEU A 257 -7.68 -1.80 -5.37
CA LEU A 257 -7.53 -1.53 -3.95
C LEU A 257 -8.18 -2.59 -3.07
N GLN A 258 -9.08 -3.39 -3.63
CA GLN A 258 -9.82 -4.42 -2.88
C GLN A 258 -10.55 -3.81 -1.69
N ARG A 259 -11.07 -2.60 -1.88
CA ARG A 259 -11.77 -1.87 -0.84
C ARG A 259 -13.02 -1.23 -1.44
N TYR A 260 -13.98 -0.95 -0.56
CA TYR A 260 -15.25 -0.34 -0.95
C TYR A 260 -15.20 1.17 -0.73
N LEU A 261 -15.90 1.89 -1.60
CA LEU A 261 -15.97 3.35 -1.55
C LEU A 261 -17.42 3.78 -1.39
N VAL A 263 -19.94 7.25 -0.58
CA VAL A 263 -19.97 8.70 -0.61
C VAL A 263 -21.42 9.16 -0.57
N GLU A 264 -21.70 10.16 0.26
CA GLU A 264 -23.05 10.63 0.51
C GLU A 264 -23.17 12.09 0.08
N VAL A 265 -24.23 12.39 -0.67
CA VAL A 265 -24.63 13.77 -0.95
C VAL A 265 -26.15 13.82 -0.94
N ASP A 266 -26.71 14.70 -0.11
CA ASP A 266 -28.11 15.09 -0.21
C ASP A 266 -28.17 16.58 -0.46
N LYS A 267 -28.93 16.97 -1.48
CA LYS A 267 -29.02 18.37 -1.90
C LYS A 267 -27.65 18.94 -2.25
#